data_7RYX
#
_entry.id   7RYX
#
_cell.length_a   78.402
_cell.length_b   67.978
_cell.length_c   80.304
_cell.angle_alpha   90.000
_cell.angle_beta   99.381
_cell.angle_gamma   90.000
#
_symmetry.space_group_name_H-M   'P 1 21 1'
#
loop_
_entity.id
_entity.type
_entity.pdbx_description
1 polymer 'Lanosterol 14-alpha demethylase'
2 non-polymer 'PROTOPORPHYRIN IX CONTAINING FE'
3 non-polymer (2R)-2-(2,4-difluorophenyl)-1,1-difluoro-3-(1H-tetrazol-1-yl)-1-{5-[4-(trifluoromethoxy)phenyl]pyridin-2-yl}propan-2-ol
4 water water
#
_entity_poly.entity_id   1
_entity_poly.type   'polypeptide(L)'
_entity_poly.pdbx_seq_one_letter_code
;MSATKSIVGEALEYVNIGLSHFLALPLAQRISLIIIIPFIYNIVWQLLYSLRKDRPPLVFYWIPWVGSAVVYGMKPYEFF
EECQKKYGDIFSFVLLGRVMTVYLGPKGHEFVFNAKLADVSAEAAYAHLTTPVFGKGVIYDCPNSRLMEQKKFVKGALTK
EAFKSYVPLIAEEVYKYFRDSKNFRLNERTTGTIDVMVTQPEMTIFTASRSLLGKEMRAKLDTDFAYLYSDLDKGFTPIN
FVFPNLPLEHYRKRDHAQKAISGTYMSLIKERRKNNDIQDRDLIDSLMKNSTYKDGVKMTDQEIANLLIGVLMGGQHTSA
ATSAWILLHLAERPDVQQELYEEQMRVLDGGKKELTYDLLQEMPLLNQTIKETLRMHHPLHSLFRKVMKDMHVPNTSYVI
PAGYHVLVSPGYTHLRDEYFPNAHQFNIHRWNNDSASSYSVGEEVDYGFGAISKGVSSPYLPFGGGRHRCIGEHFAYCQL
GVLMSIFIRTLKWHYPEGKTVPPPDFTSMVTLPTGPAKIIWEKRNPEQKIGGRHHH
;
_entity_poly.pdbx_strand_id   A
#
loop_
_chem_comp.id
_chem_comp.type
_chem_comp.name
_chem_comp.formula
81H non-polymer (2R)-2-(2,4-difluorophenyl)-1,1-difluoro-3-(1H-tetrazol-1-yl)-1-{5-[4-(trifluoromethoxy)phenyl]pyridin-2-yl}propan-2-ol 'C22 H14 F7 N5 O2'
HEM non-polymer 'PROTOPORPHYRIN IX CONTAINING FE' 'C34 H32 Fe N4 O4'
#
# COMPACT_ATOMS: atom_id res chain seq x y z
N ILE A 7 35.23 52.79 21.54
CA ILE A 7 33.80 52.78 21.77
C ILE A 7 33.04 51.96 20.73
N VAL A 8 32.65 50.74 21.09
CA VAL A 8 31.56 50.04 20.42
C VAL A 8 30.27 50.08 21.22
N GLY A 9 30.30 50.60 22.46
CA GLY A 9 29.07 51.02 23.09
C GLY A 9 28.27 51.93 22.16
N GLU A 10 28.97 52.82 21.45
CA GLU A 10 28.34 53.58 20.39
C GLU A 10 27.71 52.66 19.34
N ALA A 11 28.37 51.55 19.03
CA ALA A 11 27.85 50.64 18.01
C ALA A 11 26.64 49.86 18.53
N LEU A 12 26.65 49.44 19.80
CA LEU A 12 25.48 48.73 20.30
C LEU A 12 24.28 49.65 20.48
N GLU A 13 24.53 50.95 20.68
CA GLU A 13 23.45 51.94 20.56
C GLU A 13 22.80 51.85 19.18
N TYR A 14 23.61 51.74 18.11
CA TYR A 14 23.00 51.77 16.79
C TYR A 14 22.27 50.47 16.47
N VAL A 15 22.63 49.36 17.13
CA VAL A 15 21.82 48.15 17.05
C VAL A 15 20.40 48.43 17.52
N ASN A 16 20.28 49.08 18.68
CA ASN A 16 18.97 49.43 19.21
C ASN A 16 18.25 50.41 18.29
N ILE A 17 18.98 51.42 17.80
CA ILE A 17 18.37 52.37 16.86
C ILE A 17 17.89 51.65 15.61
N GLY A 18 18.73 50.77 15.04
CA GLY A 18 18.36 50.07 13.83
C GLY A 18 17.12 49.20 14.00
N LEU A 19 16.98 48.57 15.17
CA LEU A 19 15.80 47.75 15.41
C LEU A 19 14.54 48.61 15.45
N SER A 20 14.63 49.82 16.01
CA SER A 20 13.44 50.68 16.06
C SER A 20 13.06 51.17 14.67
N HIS A 21 14.06 51.48 13.84
CA HIS A 21 13.76 51.87 12.47
C HIS A 21 13.14 50.73 11.69
N PHE A 22 13.56 49.48 11.97
CA PHE A 22 12.94 48.34 11.31
C PHE A 22 11.47 48.21 11.70
N LEU A 23 11.18 48.32 12.99
CA LEU A 23 9.80 48.18 13.44
C LEU A 23 8.90 49.26 12.85
N ALA A 24 9.47 50.36 12.37
CA ALA A 24 8.72 51.46 11.79
C ALA A 24 8.73 51.44 10.26
N LEU A 25 9.14 50.33 9.65
CA LEU A 25 9.10 50.22 8.20
C LEU A 25 7.65 50.08 7.74
N PRO A 26 7.36 50.56 6.52
CA PRO A 26 6.01 50.36 5.96
C PRO A 26 5.64 48.90 5.91
N LEU A 27 4.32 48.64 6.01
CA LEU A 27 3.82 47.27 5.92
C LEU A 27 4.17 46.62 4.59
N ALA A 28 4.57 47.39 3.58
CA ALA A 28 5.02 46.80 2.33
C ALA A 28 6.40 46.19 2.48
N GLN A 29 7.28 46.83 3.24
CA GLN A 29 8.65 46.36 3.38
C GLN A 29 8.81 45.34 4.50
N ARG A 30 7.98 45.40 5.53
CA ARG A 30 8.11 44.42 6.60
C ARG A 30 7.55 43.06 6.18
N ILE A 31 6.47 43.04 5.39
CA ILE A 31 5.95 41.76 4.92
C ILE A 31 6.89 41.15 3.89
N SER A 32 7.55 41.99 3.08
CA SER A 32 8.56 41.46 2.18
C SER A 32 9.81 41.00 2.93
N LEU A 33 10.07 41.54 4.11
CA LEU A 33 11.21 41.08 4.89
C LEU A 33 10.90 39.80 5.66
N ILE A 34 9.62 39.51 5.91
CA ILE A 34 9.22 38.30 6.62
C ILE A 34 9.27 37.13 5.62
N ILE A 35 9.57 37.44 4.36
CA ILE A 35 9.81 36.42 3.35
C ILE A 35 11.28 36.36 2.94
N ILE A 36 11.94 37.52 2.79
CA ILE A 36 13.31 37.52 2.27
C ILE A 36 14.27 36.92 3.29
N ILE A 37 14.08 37.23 4.57
CA ILE A 37 14.99 36.80 5.63
C ILE A 37 14.88 35.29 5.88
N PRO A 38 13.69 34.68 5.83
CA PRO A 38 13.65 33.21 5.86
C PRO A 38 14.31 32.56 4.65
N PHE A 39 14.08 33.09 3.45
CA PHE A 39 14.63 32.49 2.24
C PHE A 39 16.15 32.58 2.21
N ILE A 40 16.71 33.67 2.71
CA ILE A 40 18.17 33.80 2.68
C ILE A 40 18.80 32.96 3.77
N TYR A 41 18.24 32.96 4.98
CA TYR A 41 18.77 32.10 6.04
C TYR A 41 18.67 30.62 5.67
N ASN A 42 17.63 30.26 4.92
CA ASN A 42 17.52 28.89 4.44
C ASN A 42 18.68 28.52 3.51
N ILE A 43 19.07 29.45 2.63
CA ILE A 43 20.16 29.20 1.68
C ILE A 43 21.51 29.16 2.41
N VAL A 44 21.70 30.04 3.39
CA VAL A 44 22.95 30.06 4.16
C VAL A 44 23.08 28.80 5.00
N TRP A 45 21.96 28.34 5.57
CA TRP A 45 22.00 27.15 6.42
C TRP A 45 22.38 25.91 5.62
N GLN A 46 21.77 25.72 4.44
CA GLN A 46 22.10 24.57 3.60
C GLN A 46 23.57 24.54 3.25
N LEU A 47 24.15 25.69 2.89
CA LEU A 47 25.55 25.73 2.50
C LEU A 47 26.46 25.35 3.66
N LEU A 48 26.14 25.80 4.88
CA LEU A 48 26.91 25.37 6.05
C LEU A 48 26.63 23.91 6.41
N TYR A 49 25.40 23.44 6.19
CA TYR A 49 25.08 22.03 6.43
C TYR A 49 25.85 21.11 5.49
N SER A 50 26.20 21.58 4.29
CA SER A 50 26.93 20.77 3.33
C SER A 50 28.39 20.52 3.72
N LEU A 51 28.90 21.21 4.74
CA LEU A 51 30.23 20.89 5.25
C LEU A 51 30.20 19.88 6.38
N ARG A 52 29.03 19.56 6.92
CA ARG A 52 28.91 18.46 7.87
C ARG A 52 29.29 17.14 7.19
N LYS A 53 30.32 16.49 7.71
CA LYS A 53 30.73 15.20 7.19
C LYS A 53 30.07 14.03 7.90
N ASP A 54 29.35 14.28 9.00
CA ASP A 54 28.61 13.24 9.69
C ASP A 54 27.13 13.23 9.30
N ARG A 55 26.78 13.86 8.17
CA ARG A 55 25.43 13.90 7.66
C ARG A 55 25.43 13.52 6.19
N PRO A 56 24.45 12.74 5.73
CA PRO A 56 24.32 12.49 4.30
C PRO A 56 24.17 13.80 3.54
N PRO A 57 24.50 13.84 2.27
CA PRO A 57 24.26 15.05 1.48
C PRO A 57 22.77 15.40 1.51
N LEU A 58 22.48 16.70 1.55
CA LEU A 58 21.11 17.18 1.60
C LEU A 58 20.76 17.82 0.26
N VAL A 59 19.61 17.45 -0.29
CA VAL A 59 19.25 17.95 -1.62
C VAL A 59 18.90 19.43 -1.53
N PHE A 60 19.49 20.22 -2.42
CA PHE A 60 19.22 21.65 -2.40
C PHE A 60 17.75 21.92 -2.71
N TYR A 61 17.24 23.02 -2.16
CA TYR A 61 15.84 23.43 -2.36
C TYR A 61 15.72 24.91 -2.02
N TRP A 62 14.81 25.58 -2.73
CA TRP A 62 14.62 27.02 -2.56
C TRP A 62 13.59 27.35 -1.47
N ILE A 63 12.36 26.87 -1.65
CA ILE A 63 11.23 27.13 -0.76
C ILE A 63 11.43 26.45 0.59
N PRO A 64 11.52 27.21 1.69
CA PRO A 64 11.65 26.58 3.01
C PRO A 64 10.37 25.89 3.43
N TRP A 65 10.51 25.00 4.42
CA TRP A 65 9.48 24.06 4.85
C TRP A 65 9.05 23.12 3.73
N VAL A 66 8.67 23.64 2.57
CA VAL A 66 8.17 22.80 1.48
C VAL A 66 9.26 21.85 1.00
N GLY A 67 10.46 22.37 0.76
CA GLY A 67 11.56 21.52 0.37
C GLY A 67 11.35 20.92 -1.01
N SER A 68 11.81 19.68 -1.19
CA SER A 68 11.64 18.93 -2.42
C SER A 68 10.24 18.34 -2.59
N ALA A 69 9.24 18.93 -1.93
CA ALA A 69 7.90 18.34 -1.87
C ALA A 69 7.32 18.08 -3.24
N VAL A 70 7.33 19.11 -4.10
CA VAL A 70 6.67 19.01 -5.40
C VAL A 70 7.36 17.96 -6.26
N VAL A 71 8.69 18.07 -6.38
CA VAL A 71 9.47 17.14 -7.19
C VAL A 71 9.27 15.71 -6.73
N TYR A 72 9.45 15.48 -5.43
CA TYR A 72 9.28 14.14 -4.87
C TYR A 72 7.86 13.63 -5.06
N GLY A 73 6.86 14.47 -4.82
CA GLY A 73 5.48 14.02 -4.89
C GLY A 73 5.02 13.66 -6.29
N MET A 74 5.53 14.35 -7.31
CA MET A 74 5.02 14.11 -8.66
C MET A 74 5.63 12.86 -9.30
N LYS A 75 6.93 12.63 -9.14
CA LYS A 75 7.55 11.40 -9.65
C LYS A 75 8.74 11.03 -8.78
N PRO A 76 8.52 10.20 -7.76
CA PRO A 76 9.58 9.98 -6.76
C PRO A 76 10.71 9.07 -7.21
N TYR A 77 10.45 8.13 -8.14
CA TYR A 77 11.54 7.29 -8.65
C TYR A 77 12.48 8.09 -9.54
N GLU A 78 11.96 9.07 -10.26
CA GLU A 78 12.84 9.93 -11.04
C GLU A 78 13.61 10.88 -10.14
N PHE A 79 12.99 11.34 -9.04
CA PHE A 79 13.71 12.13 -8.05
C PHE A 79 14.85 11.32 -7.44
N PHE A 80 14.55 10.10 -7.00
CA PHE A 80 15.58 9.25 -6.42
C PHE A 80 16.74 8.98 -7.38
N GLU A 81 16.45 8.75 -8.67
CA GLU A 81 17.53 8.41 -9.59
C GLU A 81 18.43 9.62 -9.87
N GLU A 82 17.84 10.82 -9.95
CA GLU A 82 18.65 12.01 -10.07
C GLU A 82 19.51 12.22 -8.83
N CYS A 83 18.91 12.07 -7.65
CA CYS A 83 19.67 12.18 -6.42
C CYS A 83 20.73 11.08 -6.34
N GLN A 84 20.37 9.86 -6.73
CA GLN A 84 21.34 8.76 -6.69
C GLN A 84 22.54 9.05 -7.60
N LYS A 85 22.31 9.61 -8.78
CA LYS A 85 23.43 9.95 -9.65
C LYS A 85 24.27 11.09 -9.07
N LYS A 86 23.63 12.07 -8.44
CA LYS A 86 24.34 13.22 -7.87
C LYS A 86 25.11 12.83 -6.61
N TYR A 87 24.48 12.11 -5.68
CA TYR A 87 25.08 11.92 -4.36
C TYR A 87 25.33 10.47 -3.95
N GLY A 88 24.91 9.48 -4.73
CA GLY A 88 24.98 8.10 -4.27
C GLY A 88 23.71 7.62 -3.59
N ASP A 89 23.85 6.52 -2.83
CA ASP A 89 22.69 5.81 -2.32
C ASP A 89 22.09 6.40 -1.04
N ILE A 90 22.83 7.22 -0.30
CA ILE A 90 22.36 7.81 0.94
C ILE A 90 22.31 9.32 0.77
N PHE A 91 21.14 9.91 0.95
CA PHE A 91 20.99 11.35 0.82
C PHE A 91 19.72 11.78 1.52
N SER A 92 19.67 13.05 1.90
CA SER A 92 18.54 13.57 2.64
C SER A 92 17.83 14.63 1.83
N PHE A 93 16.54 14.78 2.07
CA PHE A 93 15.80 15.84 1.40
C PHE A 93 14.70 16.32 2.32
N VAL A 94 14.41 17.60 2.22
CA VAL A 94 13.40 18.22 3.08
C VAL A 94 12.03 18.07 2.43
N LEU A 95 11.03 17.72 3.26
CA LEU A 95 9.68 17.38 2.78
C LEU A 95 8.64 17.95 3.73
N LEU A 96 7.97 19.03 3.33
CA LEU A 96 6.91 19.67 4.11
C LEU A 96 7.23 19.69 5.61
N GLY A 97 8.40 20.20 5.95
CA GLY A 97 8.80 20.35 7.34
C GLY A 97 9.69 19.26 7.90
N ARG A 98 9.82 18.12 7.24
CA ARG A 98 10.63 17.02 7.74
C ARG A 98 11.90 16.88 6.92
N VAL A 99 12.88 16.22 7.51
CA VAL A 99 14.09 15.81 6.82
C VAL A 99 13.99 14.31 6.63
N MET A 100 13.92 13.89 5.37
CA MET A 100 13.85 12.48 4.99
C MET A 100 15.24 12.04 4.52
N THR A 101 15.80 11.00 5.15
CA THR A 101 17.05 10.41 4.69
C THR A 101 16.75 9.11 3.95
N VAL A 102 16.90 9.14 2.65
CA VAL A 102 16.71 7.96 1.81
C VAL A 102 17.98 7.12 1.83
N TYR A 103 17.82 5.80 1.94
CA TYR A 103 18.92 4.86 1.73
C TYR A 103 18.49 3.91 0.62
N LEU A 104 18.91 4.21 -0.61
CA LEU A 104 18.50 3.44 -1.78
C LEU A 104 19.22 2.10 -1.87
N GLY A 105 18.50 1.09 -2.38
CA GLY A 105 19.12 -0.18 -2.72
C GLY A 105 19.05 -1.17 -1.57
N PRO A 106 19.52 -2.40 -1.80
CA PRO A 106 19.36 -3.47 -0.80
C PRO A 106 19.97 -3.19 0.57
N LYS A 107 21.07 -2.44 0.66
CA LYS A 107 21.57 -2.09 1.99
C LYS A 107 20.64 -1.11 2.68
N GLY A 108 19.90 -0.32 1.91
CA GLY A 108 18.84 0.49 2.50
C GLY A 108 17.66 -0.34 2.95
N HIS A 109 17.41 -1.46 2.28
CA HIS A 109 16.44 -2.40 2.81
C HIS A 109 16.88 -2.90 4.17
N GLU A 110 18.18 -3.16 4.31
CA GLU A 110 18.72 -3.68 5.56
C GLU A 110 18.74 -2.61 6.65
N PHE A 111 19.20 -1.41 6.29
CA PHE A 111 19.33 -0.34 7.26
C PHE A 111 17.98 0.09 7.82
N VAL A 112 16.91 0.04 7.03
CA VAL A 112 15.61 0.50 7.50
C VAL A 112 14.74 -0.67 7.97
N PHE A 113 14.50 -1.67 7.12
CA PHE A 113 13.57 -2.75 7.50
C PHE A 113 14.06 -3.58 8.68
N ASN A 114 15.37 -3.61 8.92
CA ASN A 114 15.95 -4.40 9.99
C ASN A 114 16.50 -3.53 11.09
N ALA A 115 16.08 -2.26 11.14
CA ALA A 115 16.52 -1.36 12.19
C ALA A 115 16.05 -1.85 13.56
N LYS A 116 16.91 -1.66 14.56
CA LYS A 116 16.51 -1.94 15.95
C LYS A 116 15.23 -1.20 16.32
N LEU A 117 14.36 -1.89 17.06
CA LEU A 117 13.09 -1.32 17.49
C LEU A 117 13.27 0.02 18.21
N ALA A 118 14.41 0.21 18.89
CA ALA A 118 14.65 1.45 19.63
C ALA A 118 15.20 2.57 18.77
N ASP A 119 15.64 2.28 17.55
CA ASP A 119 16.22 3.29 16.69
C ASP A 119 15.18 4.04 15.87
N VAL A 120 14.07 3.39 15.55
CA VAL A 120 13.14 3.91 14.56
C VAL A 120 11.75 3.46 14.99
N SER A 121 10.77 4.28 14.68
CA SER A 121 9.38 3.99 15.01
C SER A 121 8.55 4.10 13.73
N ALA A 122 7.84 3.03 13.39
CA ALA A 122 6.88 3.12 12.30
C ALA A 122 5.58 3.80 12.73
N GLU A 123 5.12 3.56 13.97
CA GLU A 123 3.87 4.20 14.38
C GLU A 123 4.03 5.72 14.49
N ALA A 124 5.21 6.20 14.85
CA ALA A 124 5.48 7.64 14.91
C ALA A 124 5.44 8.29 13.54
N ALA A 125 5.67 7.52 12.48
CA ALA A 125 5.57 8.06 11.13
C ALA A 125 4.17 7.99 10.58
N TYR A 126 3.38 7.00 11.01
CA TYR A 126 2.17 6.62 10.30
C TYR A 126 0.87 6.91 11.04
N ALA A 127 0.92 7.17 12.36
CA ALA A 127 -0.28 7.23 13.19
C ALA A 127 -1.31 8.21 12.65
N HIS A 128 -0.85 9.38 12.18
CA HIS A 128 -1.80 10.36 11.64
C HIS A 128 -2.32 9.99 10.26
N LEU A 129 -1.69 9.02 9.60
CA LEU A 129 -2.15 8.56 8.30
C LEU A 129 -3.32 7.60 8.43
N THR A 130 -3.30 6.72 9.43
CA THR A 130 -4.17 5.54 9.51
C THR A 130 -5.21 5.64 10.62
N THR A 131 -4.78 6.04 11.80
CA THR A 131 -5.71 6.14 12.93
C THR A 131 -7.00 6.89 12.60
N PRO A 132 -7.00 8.02 11.87
CA PRO A 132 -8.27 8.68 11.55
C PRO A 132 -9.17 7.87 10.64
N VAL A 133 -8.61 6.93 9.89
CA VAL A 133 -9.42 6.08 9.02
C VAL A 133 -9.83 4.80 9.74
N PHE A 134 -8.90 4.16 10.43
CA PHE A 134 -9.21 2.85 10.98
C PHE A 134 -9.93 2.93 12.32
N GLY A 135 -9.59 3.92 13.14
CA GLY A 135 -10.06 3.96 14.51
C GLY A 135 -8.88 3.91 15.45
N LYS A 136 -9.19 3.71 16.73
CA LYS A 136 -8.22 3.84 17.81
C LYS A 136 -7.84 2.49 18.38
N GLY A 137 -6.62 2.43 18.94
CA GLY A 137 -6.13 1.27 19.65
C GLY A 137 -5.54 0.16 18.81
N VAL A 138 -5.48 0.32 17.48
CA VAL A 138 -4.98 -0.73 16.59
C VAL A 138 -3.97 -0.16 15.60
N ILE A 139 -3.08 -1.03 15.14
CA ILE A 139 -2.11 -0.81 14.07
C ILE A 139 -1.04 0.17 14.53
N TYR A 140 -1.24 1.46 14.28
CA TYR A 140 -0.23 2.46 14.61
C TYR A 140 -0.69 3.36 15.75
N ASP A 141 -1.80 3.03 16.39
CA ASP A 141 -2.29 3.76 17.54
C ASP A 141 -2.19 2.82 18.74
N CYS A 142 -1.02 2.26 18.95
CA CYS A 142 -0.74 1.31 20.01
C CYS A 142 0.75 1.01 19.96
N PRO A 143 1.36 0.59 21.07
CA PRO A 143 2.78 0.20 21.04
C PRO A 143 3.05 -0.90 20.03
N ASN A 144 4.33 -1.04 19.68
CA ASN A 144 4.72 -2.01 18.67
C ASN A 144 4.36 -3.43 19.09
N SER A 145 4.56 -3.75 20.38
CA SER A 145 4.24 -5.10 20.85
C SER A 145 2.77 -5.45 20.66
N ARG A 146 1.88 -4.46 20.82
CA ARG A 146 0.47 -4.70 20.50
C ARG A 146 0.29 -4.99 18.99
N LEU A 147 0.97 -4.22 18.13
CA LEU A 147 0.89 -4.46 16.69
C LEU A 147 1.37 -5.87 16.34
N MET A 148 2.51 -6.28 16.88
CA MET A 148 3.02 -7.61 16.58
C MET A 148 1.98 -8.68 16.86
N GLU A 149 1.28 -8.59 18.01
CA GLU A 149 0.28 -9.60 18.32
C GLU A 149 -0.99 -9.43 17.49
N GLN A 150 -1.34 -8.19 17.13
CA GLN A 150 -2.50 -8.02 16.24
C GLN A 150 -2.26 -8.73 14.92
N LYS A 151 -1.04 -8.64 14.42
CA LYS A 151 -0.65 -9.32 13.19
C LYS A 151 -0.66 -10.84 13.36
N LYS A 152 -0.35 -11.32 14.57
CA LYS A 152 -0.54 -12.75 14.87
C LYS A 152 -2.01 -13.14 14.81
N PHE A 153 -2.88 -12.30 15.36
CA PHE A 153 -4.32 -12.58 15.34
C PHE A 153 -4.81 -12.72 13.91
N VAL A 154 -4.51 -11.73 13.07
CA VAL A 154 -5.01 -11.75 11.69
C VAL A 154 -4.39 -12.92 10.94
N LYS A 155 -3.08 -13.13 11.10
CA LYS A 155 -2.41 -14.21 10.39
C LYS A 155 -2.95 -15.57 10.79
N GLY A 156 -3.49 -15.70 12.00
CA GLY A 156 -4.16 -16.93 12.41
C GLY A 156 -5.44 -17.24 11.67
N ALA A 157 -6.08 -16.24 11.06
CA ALA A 157 -7.16 -16.54 10.12
C ALA A 157 -6.70 -16.74 8.68
N LEU A 158 -5.43 -16.52 8.35
CA LEU A 158 -4.94 -16.60 6.96
C LEU A 158 -4.14 -17.89 6.75
N THR A 159 -4.83 -19.02 6.83
CA THR A 159 -4.14 -20.29 6.73
C THR A 159 -4.51 -20.99 5.44
N LYS A 160 -3.71 -22.02 5.10
CA LYS A 160 -3.99 -22.84 3.92
C LYS A 160 -5.43 -23.32 3.91
N GLU A 161 -5.91 -23.84 5.07
CA GLU A 161 -7.28 -24.34 5.16
C GLU A 161 -8.29 -23.23 4.93
N ALA A 162 -8.00 -22.02 5.40
CA ALA A 162 -8.91 -20.94 5.11
C ALA A 162 -8.91 -20.60 3.61
N PHE A 163 -7.73 -20.60 2.98
CA PHE A 163 -7.66 -20.29 1.55
C PHE A 163 -8.39 -21.33 0.72
N LYS A 164 -8.48 -22.57 1.21
CA LYS A 164 -9.24 -23.59 0.47
C LYS A 164 -10.74 -23.37 0.54
N SER A 165 -11.22 -22.67 1.56
CA SER A 165 -12.63 -22.25 1.56
C SER A 165 -12.83 -20.88 0.93
N TYR A 166 -11.80 -20.03 0.90
CA TYR A 166 -11.99 -18.72 0.29
C TYR A 166 -12.10 -18.81 -1.22
N VAL A 167 -11.47 -19.83 -1.85
CA VAL A 167 -11.36 -19.86 -3.32
C VAL A 167 -12.73 -20.02 -3.98
N PRO A 168 -13.56 -21.01 -3.62
CA PRO A 168 -14.92 -21.04 -4.20
C PRO A 168 -15.78 -19.82 -3.84
N LEU A 169 -15.60 -19.22 -2.66
CA LEU A 169 -16.34 -18.00 -2.32
C LEU A 169 -15.92 -16.84 -3.22
N ILE A 170 -14.60 -16.66 -3.41
CA ILE A 170 -14.10 -15.60 -4.30
C ILE A 170 -14.54 -15.84 -5.74
N ALA A 171 -14.46 -17.09 -6.22
CA ALA A 171 -14.87 -17.37 -7.59
C ALA A 171 -16.35 -17.06 -7.77
N GLU A 172 -17.20 -17.46 -6.81
CA GLU A 172 -18.62 -17.10 -6.90
C GLU A 172 -18.82 -15.60 -7.02
N GLU A 173 -18.09 -14.80 -6.24
CA GLU A 173 -18.27 -13.35 -6.36
C GLU A 173 -17.83 -12.84 -7.74
N VAL A 174 -16.82 -13.47 -8.36
CA VAL A 174 -16.37 -12.95 -9.63
C VAL A 174 -17.41 -13.24 -10.71
N TYR A 175 -17.95 -14.45 -10.70
CA TYR A 175 -18.98 -14.80 -11.68
C TYR A 175 -20.23 -13.96 -11.47
N LYS A 176 -20.57 -13.64 -10.23
CA LYS A 176 -21.72 -12.78 -9.99
C LYS A 176 -21.47 -11.38 -10.50
N TYR A 177 -20.25 -10.87 -10.31
CA TYR A 177 -19.90 -9.56 -10.86
C TYR A 177 -20.03 -9.53 -12.38
N PHE A 178 -19.56 -10.60 -13.06
CA PHE A 178 -19.66 -10.66 -14.52
C PHE A 178 -21.11 -10.76 -14.97
N ARG A 179 -21.92 -11.52 -14.22
CA ARG A 179 -23.35 -11.62 -14.53
C ARG A 179 -24.10 -10.33 -14.22
N ASP A 180 -23.90 -9.76 -13.03
CA ASP A 180 -24.79 -8.72 -12.54
C ASP A 180 -24.27 -7.30 -12.74
N SER A 181 -22.96 -7.07 -12.77
CA SER A 181 -22.48 -5.69 -12.84
C SER A 181 -22.82 -5.09 -14.20
N LYS A 182 -23.18 -3.81 -14.20
CA LYS A 182 -23.38 -3.09 -15.45
C LYS A 182 -22.11 -3.06 -16.30
N ASN A 183 -20.94 -3.16 -15.67
CA ASN A 183 -19.72 -3.14 -16.45
C ASN A 183 -19.57 -4.37 -17.34
N PHE A 184 -20.26 -5.46 -17.01
CA PHE A 184 -20.18 -6.65 -17.84
C PHE A 184 -21.56 -7.08 -18.36
N ARG A 185 -22.34 -7.80 -17.55
CA ARG A 185 -23.61 -8.41 -17.98
C ARG A 185 -23.34 -9.48 -19.03
N LEU A 186 -22.51 -10.45 -18.67
CA LEU A 186 -22.04 -11.36 -19.70
C LEU A 186 -23.18 -12.17 -20.32
N ASN A 187 -24.29 -12.37 -19.59
CA ASN A 187 -25.42 -13.07 -20.20
C ASN A 187 -26.10 -12.24 -21.28
N GLU A 188 -25.90 -10.92 -21.28
CA GLU A 188 -26.54 -10.03 -22.24
C GLU A 188 -25.60 -9.45 -23.27
N ARG A 189 -24.37 -9.10 -22.89
CA ARG A 189 -23.39 -8.50 -23.80
C ARG A 189 -22.20 -9.45 -24.02
N THR A 190 -21.66 -9.47 -25.25
CA THR A 190 -20.49 -10.28 -25.58
C THR A 190 -19.22 -9.46 -25.76
N THR A 191 -19.32 -8.13 -25.76
CA THR A 191 -18.16 -7.24 -25.80
C THR A 191 -18.55 -5.97 -25.05
N GLY A 192 -17.55 -5.21 -24.62
CA GLY A 192 -17.83 -3.98 -23.89
C GLY A 192 -16.54 -3.31 -23.48
N THR A 193 -16.67 -2.08 -22.99
CA THR A 193 -15.54 -1.28 -22.55
C THR A 193 -15.67 -1.04 -21.05
N ILE A 194 -14.60 -1.27 -20.30
CA ILE A 194 -14.62 -1.05 -18.87
C ILE A 194 -13.47 -0.13 -18.50
N ASP A 195 -13.67 0.62 -17.43
CA ASP A 195 -12.59 1.27 -16.72
C ASP A 195 -12.11 0.31 -15.63
N VAL A 196 -10.81 -0.01 -15.61
CA VAL A 196 -10.35 -0.95 -14.59
C VAL A 196 -10.26 -0.27 -13.23
N MET A 197 -10.17 1.06 -13.18
CA MET A 197 -10.25 1.75 -11.90
C MET A 197 -11.68 1.81 -11.36
N VAL A 198 -12.68 1.56 -12.18
CA VAL A 198 -14.03 1.34 -11.68
C VAL A 198 -14.20 -0.12 -11.25
N THR A 199 -13.87 -1.06 -12.15
CA THR A 199 -14.24 -2.45 -11.94
C THR A 199 -13.41 -3.11 -10.84
N GLN A 200 -12.10 -2.84 -10.78
CA GLN A 200 -11.27 -3.60 -9.85
C GLN A 200 -11.52 -3.25 -8.38
N PRO A 201 -11.59 -1.98 -7.97
CA PRO A 201 -11.97 -1.72 -6.57
C PRO A 201 -13.31 -2.38 -6.20
N GLU A 202 -14.26 -2.49 -7.14
CA GLU A 202 -15.54 -3.12 -6.81
C GLU A 202 -15.37 -4.62 -6.61
N MET A 203 -14.74 -5.29 -7.60
CA MET A 203 -14.44 -6.71 -7.47
C MET A 203 -13.63 -6.98 -6.23
N THR A 204 -12.64 -6.13 -5.97
CA THR A 204 -11.79 -6.40 -4.82
C THR A 204 -12.59 -6.41 -3.52
N ILE A 205 -13.43 -5.38 -3.30
CA ILE A 205 -14.14 -5.33 -2.02
C ILE A 205 -15.19 -6.43 -1.96
N PHE A 206 -15.85 -6.72 -3.09
CA PHE A 206 -16.83 -7.79 -3.12
C PHE A 206 -16.20 -9.13 -2.73
N THR A 207 -15.01 -9.45 -3.31
CA THR A 207 -14.34 -10.68 -2.95
C THR A 207 -13.72 -10.61 -1.56
N ALA A 208 -13.16 -9.46 -1.18
CA ALA A 208 -12.55 -9.39 0.15
C ALA A 208 -13.59 -9.43 1.25
N SER A 209 -14.71 -8.70 1.08
CA SER A 209 -15.83 -8.76 2.02
C SER A 209 -16.33 -10.19 2.22
N ARG A 210 -16.61 -10.87 1.11
CA ARG A 210 -17.23 -12.17 1.16
C ARG A 210 -16.35 -13.18 1.89
N SER A 211 -15.04 -13.20 1.59
CA SER A 211 -14.19 -14.18 2.26
C SER A 211 -13.76 -13.73 3.65
N LEU A 212 -13.35 -12.48 3.81
CA LEU A 212 -12.76 -12.14 5.11
C LEU A 212 -13.81 -11.83 6.15
N LEU A 213 -14.92 -11.19 5.74
CA LEU A 213 -15.96 -10.71 6.64
C LEU A 213 -17.22 -11.57 6.63
N GLY A 214 -17.52 -12.28 5.54
CA GLY A 214 -18.63 -13.21 5.50
C GLY A 214 -19.83 -12.66 4.75
N LYS A 215 -20.86 -13.51 4.64
CA LYS A 215 -21.95 -13.19 3.71
C LYS A 215 -22.83 -12.07 4.21
N GLU A 216 -22.98 -11.93 5.53
CA GLU A 216 -23.76 -10.82 6.08
C GLU A 216 -23.16 -9.50 5.66
N MET A 217 -21.86 -9.33 5.92
CA MET A 217 -21.17 -8.10 5.54
C MET A 217 -21.14 -7.90 4.04
N ARG A 218 -20.92 -8.98 3.27
CA ARG A 218 -21.00 -8.87 1.82
C ARG A 218 -22.36 -8.39 1.37
N ALA A 219 -23.43 -9.04 1.86
CA ALA A 219 -24.80 -8.63 1.56
C ALA A 219 -25.03 -7.14 1.83
N LYS A 220 -24.35 -6.55 2.82
CA LYS A 220 -24.54 -5.13 3.10
C LYS A 220 -24.07 -4.23 1.95
N LEU A 221 -23.15 -4.68 1.10
CA LEU A 221 -22.68 -3.80 0.03
C LEU A 221 -23.65 -3.72 -1.15
N ASP A 222 -24.76 -4.46 -1.12
CA ASP A 222 -25.81 -4.33 -2.11
C ASP A 222 -26.88 -3.31 -1.70
N THR A 223 -26.65 -2.53 -0.64
CA THR A 223 -27.57 -1.54 -0.11
C THR A 223 -26.91 -0.16 -0.14
N ASP A 224 -27.65 0.85 0.33
CA ASP A 224 -27.11 2.19 0.53
C ASP A 224 -25.87 2.20 1.40
N PHE A 225 -25.68 1.16 2.21
CA PHE A 225 -24.51 1.05 3.06
C PHE A 225 -23.19 1.15 2.30
N ALA A 226 -23.17 0.77 1.02
CA ALA A 226 -21.94 0.87 0.23
C ALA A 226 -21.44 2.31 0.14
N TYR A 227 -22.36 3.28 0.26
CA TYR A 227 -21.96 4.68 0.30
C TYR A 227 -20.94 4.94 1.39
N LEU A 228 -21.07 4.25 2.52
CA LEU A 228 -20.20 4.53 3.65
C LEU A 228 -18.78 4.04 3.39
N TYR A 229 -18.64 2.87 2.76
CA TYR A 229 -17.32 2.40 2.35
C TYR A 229 -16.66 3.38 1.39
N SER A 230 -17.43 3.97 0.48
CA SER A 230 -16.88 4.97 -0.42
C SER A 230 -16.34 6.15 0.38
N ASP A 231 -17.17 6.72 1.27
CA ASP A 231 -16.75 7.83 2.11
C ASP A 231 -15.50 7.46 2.92
N LEU A 232 -15.50 6.28 3.53
CA LEU A 232 -14.34 5.87 4.29
C LEU A 232 -13.13 5.78 3.39
N ASP A 233 -13.32 5.18 2.22
CA ASP A 233 -12.28 5.02 1.23
C ASP A 233 -11.68 6.36 0.83
N LYS A 234 -12.52 7.36 0.64
CA LYS A 234 -12.01 8.68 0.30
C LYS A 234 -11.19 9.26 1.44
N GLY A 235 -11.42 8.80 2.66
CA GLY A 235 -10.64 9.28 3.78
C GLY A 235 -9.25 8.69 3.85
N PHE A 236 -9.01 7.61 3.11
CA PHE A 236 -7.70 6.92 3.05
C PHE A 236 -6.84 7.65 2.02
N THR A 237 -6.08 8.65 2.47
CA THR A 237 -5.32 9.48 1.55
C THR A 237 -4.07 10.03 2.24
N PRO A 238 -2.98 10.25 1.49
CA PRO A 238 -1.78 10.85 2.10
C PRO A 238 -1.96 12.28 2.56
N ILE A 239 -3.04 12.95 2.19
CA ILE A 239 -3.29 14.29 2.73
C ILE A 239 -3.36 14.23 4.25
N ASN A 240 -3.76 13.08 4.81
CA ASN A 240 -3.81 12.92 6.26
C ASN A 240 -2.46 13.08 6.91
N PHE A 241 -1.38 12.96 6.15
CA PHE A 241 -0.05 13.19 6.73
C PHE A 241 0.09 14.60 7.29
N VAL A 242 -0.56 15.59 6.66
CA VAL A 242 -0.38 16.98 7.08
C VAL A 242 -1.70 17.58 7.53
N PHE A 243 -2.82 17.06 6.98
CA PHE A 243 -4.16 17.56 7.29
C PHE A 243 -5.06 16.41 7.73
N PRO A 244 -4.80 15.83 8.91
CA PRO A 244 -5.59 14.68 9.39
C PRO A 244 -7.04 14.98 9.73
N ASN A 245 -7.28 16.03 10.51
CA ASN A 245 -8.62 16.43 10.91
C ASN A 245 -8.79 17.90 10.57
N LEU A 246 -9.65 18.18 9.60
CA LEU A 246 -9.97 19.54 9.27
C LEU A 246 -11.47 19.74 9.42
N PRO A 247 -11.91 20.92 9.85
CA PRO A 247 -13.36 21.18 9.95
C PRO A 247 -14.06 21.14 8.59
N LEU A 248 -13.75 20.15 7.75
CA LEU A 248 -14.27 20.07 6.39
C LEU A 248 -15.29 18.94 6.26
N GLU A 249 -15.88 18.86 5.07
CA GLU A 249 -16.99 17.94 4.85
C GLU A 249 -16.50 16.52 4.51
N HIS A 250 -15.43 16.43 3.70
CA HIS A 250 -14.83 15.13 3.43
C HIS A 250 -14.48 14.40 4.72
N TYR A 251 -14.02 15.14 5.75
CA TYR A 251 -13.57 14.53 6.98
C TYR A 251 -14.72 14.01 7.84
N ARG A 252 -15.88 14.67 7.77
CA ARG A 252 -17.04 14.27 8.56
C ARG A 252 -17.71 13.04 7.96
N LYS A 253 -17.90 13.02 6.64
CA LYS A 253 -18.33 11.80 5.98
C LYS A 253 -17.36 10.66 6.27
N ARG A 254 -16.05 10.95 6.28
CA ARG A 254 -15.06 9.94 6.63
C ARG A 254 -15.25 9.47 8.06
N ASP A 255 -15.31 10.40 9.01
CA ASP A 255 -15.47 10.06 10.42
C ASP A 255 -16.80 9.39 10.67
N HIS A 256 -17.89 9.92 10.11
CA HIS A 256 -19.18 9.25 10.19
C HIS A 256 -19.09 7.82 9.66
N ALA A 257 -18.46 7.64 8.49
CA ALA A 257 -18.35 6.30 7.90
C ALA A 257 -17.58 5.35 8.81
N GLN A 258 -16.48 5.82 9.40
CA GLN A 258 -15.71 4.99 10.32
C GLN A 258 -16.57 4.52 11.49
N LYS A 259 -17.30 5.45 12.11
CA LYS A 259 -18.21 5.09 13.19
C LYS A 259 -19.31 4.15 12.71
N ALA A 260 -19.86 4.41 11.51
CA ALA A 260 -20.98 3.60 11.04
C ALA A 260 -20.53 2.19 10.65
N ILE A 261 -19.34 2.06 10.07
CA ILE A 261 -18.89 0.73 9.62
C ILE A 261 -18.40 -0.10 10.81
N SER A 262 -17.62 0.49 11.71
CA SER A 262 -17.22 -0.25 12.90
C SER A 262 -18.44 -0.69 13.73
N GLY A 263 -19.53 0.09 13.68
CA GLY A 263 -20.75 -0.29 14.39
C GLY A 263 -21.40 -1.54 13.83
N THR A 264 -21.56 -1.61 12.50
CA THR A 264 -22.02 -2.83 11.85
C THR A 264 -21.21 -4.05 12.27
N TYR A 265 -19.86 -3.96 12.21
CA TYR A 265 -19.04 -5.12 12.58
C TYR A 265 -19.26 -5.51 14.05
N MET A 266 -19.35 -4.53 14.95
CA MET A 266 -19.59 -4.83 16.37
C MET A 266 -20.96 -5.49 16.57
N SER A 267 -21.99 -4.97 15.91
CA SER A 267 -23.32 -5.59 15.96
C SER A 267 -23.24 -7.07 15.64
N LEU A 268 -22.51 -7.43 14.57
CA LEU A 268 -22.38 -8.85 14.24
C LEU A 268 -21.54 -9.59 15.28
N ILE A 269 -20.49 -8.95 15.78
CA ILE A 269 -19.68 -9.59 16.82
C ILE A 269 -20.53 -9.91 18.05
N LYS A 270 -21.29 -8.92 18.52
CA LYS A 270 -22.10 -9.12 19.72
C LYS A 270 -23.32 -10.01 19.43
N GLU A 271 -23.83 -10.00 18.20
CA GLU A 271 -24.94 -10.88 17.88
C GLU A 271 -24.48 -12.33 17.76
N ARG A 272 -23.24 -12.56 17.33
CA ARG A 272 -22.73 -13.92 17.25
C ARG A 272 -22.30 -14.47 18.61
N ARG A 273 -21.85 -13.58 19.51
CA ARG A 273 -21.47 -14.03 20.84
C ARG A 273 -22.69 -14.24 21.72
N LYS A 274 -23.76 -13.48 21.46
CA LYS A 274 -25.00 -13.65 22.20
C LYS A 274 -25.68 -14.97 21.83
N ASN A 275 -25.67 -15.35 20.55
CA ASN A 275 -26.25 -16.60 20.07
C ASN A 275 -25.26 -17.77 20.05
N ASN A 276 -24.06 -17.58 20.64
CA ASN A 276 -22.90 -18.46 20.46
C ASN A 276 -22.83 -19.06 19.06
N ASP A 277 -22.90 -18.22 18.04
CA ASP A 277 -22.73 -18.63 16.65
C ASP A 277 -21.28 -18.46 16.18
N ILE A 278 -20.31 -18.77 17.04
CA ILE A 278 -18.89 -18.48 16.78
C ILE A 278 -18.25 -19.75 16.20
N GLN A 279 -18.03 -19.76 14.89
CA GLN A 279 -17.60 -20.93 14.14
C GLN A 279 -16.14 -20.75 13.69
N ASP A 280 -15.82 -21.10 12.45
CA ASP A 280 -14.51 -20.88 11.81
C ASP A 280 -14.73 -20.40 10.38
N ARG A 281 -15.73 -19.54 10.20
CA ARG A 281 -16.06 -19.06 8.86
C ARG A 281 -15.03 -18.06 8.36
N ASP A 282 -14.92 -16.92 9.05
CA ASP A 282 -14.26 -15.74 8.52
C ASP A 282 -13.31 -15.16 9.56
N LEU A 283 -12.71 -14.03 9.19
CA LEU A 283 -11.77 -13.37 10.09
C LEU A 283 -12.47 -12.90 11.36
N ILE A 284 -13.78 -12.64 11.28
CA ILE A 284 -14.54 -12.24 12.47
C ILE A 284 -14.55 -13.36 13.51
N ASP A 285 -14.94 -14.57 13.09
CA ASP A 285 -14.90 -15.70 14.02
C ASP A 285 -13.51 -15.88 14.61
N SER A 286 -12.48 -15.76 13.77
CA SER A 286 -11.11 -15.98 14.25
C SER A 286 -10.71 -14.91 15.25
N LEU A 287 -10.99 -13.63 14.96
CA LEU A 287 -10.68 -12.59 15.93
C LEU A 287 -11.50 -12.75 17.21
N MET A 288 -12.72 -13.27 17.12
CA MET A 288 -13.50 -13.55 18.32
C MET A 288 -12.82 -14.62 19.18
N LYS A 289 -12.42 -15.73 18.57
CA LYS A 289 -11.77 -16.83 19.28
C LYS A 289 -10.34 -16.51 19.73
N ASN A 290 -9.64 -15.58 19.07
CA ASN A 290 -8.19 -15.43 19.27
C ASN A 290 -7.87 -13.94 19.10
N SER A 291 -7.96 -13.21 20.21
CA SER A 291 -7.65 -11.80 20.25
C SER A 291 -7.35 -11.38 21.69
N THR A 292 -6.52 -12.17 22.38
CA THR A 292 -6.04 -11.86 23.72
C THR A 292 -4.52 -11.71 23.67
N TYR A 293 -4.03 -10.55 24.05
CA TYR A 293 -2.60 -10.34 24.17
C TYR A 293 -1.99 -11.30 25.19
N LYS A 294 -0.67 -11.47 25.11
CA LYS A 294 -0.03 -12.44 25.98
C LYS A 294 0.06 -11.96 27.43
N ASP A 295 -0.12 -10.66 27.68
CA ASP A 295 -0.26 -10.15 29.04
C ASP A 295 -1.69 -10.25 29.55
N GLY A 296 -2.58 -10.89 28.79
CA GLY A 296 -3.91 -11.22 29.22
C GLY A 296 -4.99 -10.21 28.89
N VAL A 297 -4.64 -9.02 28.42
CA VAL A 297 -5.64 -8.06 27.99
C VAL A 297 -6.30 -8.55 26.71
N LYS A 298 -7.63 -8.53 26.70
CA LYS A 298 -8.41 -8.86 25.52
C LYS A 298 -8.67 -7.59 24.71
N MET A 299 -8.54 -7.71 23.37
CA MET A 299 -9.04 -6.66 22.50
C MET A 299 -10.53 -6.45 22.74
N THR A 300 -10.94 -5.18 22.74
CA THR A 300 -12.34 -4.87 22.83
C THR A 300 -13.01 -5.11 21.50
N ASP A 301 -14.34 -5.20 21.54
CA ASP A 301 -15.12 -5.31 20.32
C ASP A 301 -14.81 -4.17 19.37
N GLN A 302 -14.58 -2.97 19.90
CA GLN A 302 -14.32 -1.80 19.06
C GLN A 302 -12.94 -1.88 18.41
N GLU A 303 -11.92 -2.31 19.17
CA GLU A 303 -10.60 -2.51 18.59
C GLU A 303 -10.61 -3.64 17.56
N ILE A 304 -11.43 -4.67 17.78
CA ILE A 304 -11.55 -5.75 16.81
C ILE A 304 -12.14 -5.23 15.51
N ALA A 305 -13.19 -4.39 15.60
CA ALA A 305 -13.81 -3.84 14.40
C ALA A 305 -12.86 -2.85 13.69
N ASN A 306 -12.09 -2.08 14.46
CA ASN A 306 -11.12 -1.17 13.85
C ASN A 306 -9.99 -1.93 13.15
N LEU A 307 -9.57 -3.08 13.70
CA LEU A 307 -8.54 -3.89 13.04
C LEU A 307 -9.11 -4.55 11.78
N LEU A 308 -10.42 -4.80 11.74
CA LEU A 308 -11.05 -5.33 10.55
C LEU A 308 -11.05 -4.29 9.42
N ILE A 309 -11.35 -3.04 9.76
CA ILE A 309 -11.30 -1.95 8.79
C ILE A 309 -9.88 -1.74 8.28
N GLY A 310 -8.90 -1.80 9.17
CA GLY A 310 -7.51 -1.61 8.74
C GLY A 310 -7.05 -2.68 7.77
N VAL A 311 -7.29 -3.94 8.10
CA VAL A 311 -6.81 -5.00 7.21
C VAL A 311 -7.59 -4.99 5.89
N LEU A 312 -8.92 -4.77 5.96
CA LEU A 312 -9.74 -4.68 4.76
C LEU A 312 -9.36 -3.49 3.90
N MET A 313 -9.08 -2.35 4.52
CA MET A 313 -8.73 -1.17 3.75
C MET A 313 -7.35 -1.31 3.10
N GLY A 314 -6.39 -1.85 3.84
CA GLY A 314 -5.05 -1.99 3.31
C GLY A 314 -4.97 -3.00 2.18
N GLY A 315 -5.54 -4.19 2.39
CA GLY A 315 -5.63 -5.16 1.32
C GLY A 315 -6.53 -4.72 0.18
N GLN A 316 -7.45 -3.78 0.44
CA GLN A 316 -8.30 -3.25 -0.61
C GLN A 316 -7.48 -2.47 -1.64
N HIS A 317 -6.70 -1.50 -1.18
CA HIS A 317 -6.01 -0.61 -2.10
C HIS A 317 -4.84 -1.31 -2.80
N THR A 318 -4.11 -2.16 -2.10
CA THR A 318 -2.97 -2.85 -2.74
C THR A 318 -3.46 -3.82 -3.80
N SER A 319 -4.47 -4.63 -3.45
CA SER A 319 -4.90 -5.72 -4.31
C SER A 319 -5.62 -5.19 -5.54
N ALA A 320 -6.39 -4.10 -5.39
CA ALA A 320 -7.15 -3.53 -6.50
C ALA A 320 -6.26 -2.77 -7.47
N ALA A 321 -5.22 -2.10 -6.97
CA ALA A 321 -4.23 -1.54 -7.87
C ALA A 321 -3.48 -2.62 -8.63
N THR A 322 -3.13 -3.71 -7.94
CA THR A 322 -2.36 -4.77 -8.59
C THR A 322 -3.17 -5.42 -9.72
N SER A 323 -4.39 -5.87 -9.39
CA SER A 323 -5.43 -6.27 -10.33
C SER A 323 -5.48 -5.37 -11.56
N ALA A 324 -5.67 -4.07 -11.31
CA ALA A 324 -5.78 -3.11 -12.40
C ALA A 324 -4.53 -3.10 -13.26
N TRP A 325 -3.36 -3.24 -12.62
CA TRP A 325 -2.09 -3.31 -13.33
C TRP A 325 -1.95 -4.62 -14.09
N ILE A 326 -2.42 -5.74 -13.54
CA ILE A 326 -2.29 -6.99 -14.29
C ILE A 326 -3.10 -6.92 -15.57
N LEU A 327 -4.33 -6.33 -15.50
CA LEU A 327 -5.18 -6.25 -16.68
C LEU A 327 -4.62 -5.26 -17.68
N LEU A 328 -4.08 -4.13 -17.21
CA LEU A 328 -3.54 -3.14 -18.13
C LEU A 328 -2.33 -3.66 -18.86
N HIS A 329 -1.43 -4.38 -18.15
CA HIS A 329 -0.28 -4.93 -18.86
C HIS A 329 -0.69 -6.04 -19.81
N LEU A 330 -1.62 -6.92 -19.40
CA LEU A 330 -1.95 -8.05 -20.28
C LEU A 330 -2.70 -7.58 -21.52
N ALA A 331 -3.33 -6.40 -21.45
CA ALA A 331 -4.20 -5.90 -22.49
C ALA A 331 -3.43 -5.52 -23.76
N GLU A 332 -2.12 -5.27 -23.67
CA GLU A 332 -1.28 -5.12 -24.84
C GLU A 332 -0.41 -6.36 -25.04
N ARG A 333 -0.72 -7.48 -24.39
CA ARG A 333 0.07 -8.70 -24.52
C ARG A 333 -0.88 -9.87 -24.75
N PRO A 334 -1.46 -9.96 -25.95
CA PRO A 334 -2.30 -11.13 -26.24
C PRO A 334 -1.49 -12.43 -26.24
N ASP A 335 -0.17 -12.38 -26.43
CA ASP A 335 0.65 -13.60 -26.30
C ASP A 335 0.66 -14.12 -24.86
N VAL A 336 0.65 -13.22 -23.87
CA VAL A 336 0.63 -13.68 -22.48
C VAL A 336 -0.77 -14.21 -22.11
N GLN A 337 -1.84 -13.50 -22.49
CA GLN A 337 -3.19 -14.05 -22.31
C GLN A 337 -3.27 -15.47 -22.85
N GLN A 338 -2.86 -15.65 -24.10
CA GLN A 338 -2.89 -16.96 -24.74
C GLN A 338 -2.11 -18.00 -23.94
N GLU A 339 -0.87 -17.67 -23.58
CA GLU A 339 -0.10 -18.58 -22.73
C GLU A 339 -0.81 -18.87 -21.40
N LEU A 340 -1.34 -17.82 -20.74
CA LEU A 340 -2.03 -18.03 -19.48
C LEU A 340 -3.27 -18.93 -19.69
N TYR A 341 -3.97 -18.75 -20.81
CA TYR A 341 -5.16 -19.56 -21.09
C TYR A 341 -4.81 -21.04 -21.31
N GLU A 342 -3.73 -21.34 -22.04
CA GLU A 342 -3.30 -22.73 -22.17
C GLU A 342 -3.05 -23.37 -20.81
N GLU A 343 -2.44 -22.63 -19.89
CA GLU A 343 -2.19 -23.20 -18.57
C GLU A 343 -3.51 -23.50 -17.84
N GLN A 344 -4.48 -22.60 -17.91
CA GLN A 344 -5.80 -22.86 -17.34
C GLN A 344 -6.40 -24.14 -17.88
N MET A 345 -6.39 -24.31 -19.21
CA MET A 345 -6.96 -25.51 -19.83
C MET A 345 -6.22 -26.77 -19.41
N ARG A 346 -4.90 -26.70 -19.30
CA ARG A 346 -4.13 -27.87 -18.85
C ARG A 346 -4.41 -28.21 -17.39
N VAL A 347 -4.32 -27.24 -16.48
CA VAL A 347 -4.41 -27.54 -15.05
C VAL A 347 -5.83 -27.91 -14.65
N LEU A 348 -6.84 -27.33 -15.30
CA LEU A 348 -8.24 -27.52 -14.96
C LEU A 348 -8.95 -28.50 -15.90
N ASP A 349 -8.22 -29.35 -16.62
CA ASP A 349 -8.78 -30.34 -17.55
C ASP A 349 -9.77 -29.70 -18.51
N GLY A 350 -9.27 -28.70 -19.24
CA GLY A 350 -10.12 -27.97 -20.17
C GLY A 350 -11.30 -27.28 -19.54
N GLY A 351 -11.24 -27.00 -18.24
CA GLY A 351 -12.36 -26.42 -17.52
C GLY A 351 -13.27 -27.40 -16.84
N LYS A 352 -12.98 -28.70 -16.91
CA LYS A 352 -13.81 -29.70 -16.26
C LYS A 352 -13.37 -30.01 -14.84
N LYS A 353 -12.33 -29.35 -14.34
CA LYS A 353 -11.99 -29.34 -12.91
C LYS A 353 -12.40 -28.01 -12.29
N GLU A 354 -12.79 -28.07 -11.01
CA GLU A 354 -13.14 -26.86 -10.28
C GLU A 354 -11.89 -26.21 -9.73
N LEU A 355 -11.77 -24.89 -9.90
CA LEU A 355 -10.66 -24.16 -9.32
C LEU A 355 -10.61 -24.45 -7.83
N THR A 356 -9.44 -24.88 -7.34
CA THR A 356 -9.20 -25.05 -5.91
C THR A 356 -7.93 -24.30 -5.56
N TYR A 357 -7.77 -24.01 -4.27
CA TYR A 357 -6.53 -23.44 -3.79
C TYR A 357 -5.32 -24.30 -4.19
N ASP A 358 -5.46 -25.62 -4.10
CA ASP A 358 -4.40 -26.52 -4.54
C ASP A 358 -4.12 -26.40 -6.04
N LEU A 359 -5.17 -26.30 -6.87
CA LEU A 359 -4.90 -26.17 -8.30
C LEU A 359 -4.25 -24.82 -8.64
N LEU A 360 -4.58 -23.77 -7.88
CA LEU A 360 -3.92 -22.47 -8.00
C LEU A 360 -2.41 -22.58 -7.82
N GLN A 361 -1.94 -23.45 -6.91
CA GLN A 361 -0.51 -23.61 -6.72
C GLN A 361 0.16 -24.39 -7.86
N GLU A 362 -0.61 -24.88 -8.82
CA GLU A 362 -0.08 -25.53 -10.01
C GLU A 362 -0.21 -24.65 -11.24
N MET A 363 -0.42 -23.35 -11.05
CA MET A 363 -0.49 -22.38 -12.15
C MET A 363 0.71 -21.44 -12.07
N PRO A 364 1.93 -21.93 -12.27
CA PRO A 364 3.09 -21.05 -12.01
C PRO A 364 3.12 -19.80 -12.90
N LEU A 365 2.66 -19.88 -14.16
CA LEU A 365 2.67 -18.69 -15.03
C LEU A 365 1.70 -17.61 -14.54
N LEU A 366 0.55 -18.02 -13.98
CA LEU A 366 -0.38 -17.02 -13.45
C LEU A 366 0.22 -16.36 -12.22
N ASN A 367 0.79 -17.16 -11.32
CA ASN A 367 1.51 -16.63 -10.16
C ASN A 367 2.74 -15.81 -10.54
N GLN A 368 3.38 -16.15 -11.65
CA GLN A 368 4.50 -15.33 -12.10
C GLN A 368 4.03 -14.00 -12.63
N THR A 369 2.79 -13.95 -13.12
CA THR A 369 2.26 -12.71 -13.66
C THR A 369 1.96 -11.73 -12.55
N ILE A 370 1.43 -12.23 -11.43
CA ILE A 370 1.27 -11.41 -10.23
C ILE A 370 2.64 -10.97 -9.73
N LYS A 371 3.57 -11.92 -9.63
CA LYS A 371 4.92 -11.59 -9.16
C LYS A 371 5.56 -10.47 -9.99
N GLU A 372 5.44 -10.58 -11.31
CA GLU A 372 6.06 -9.60 -12.20
C GLU A 372 5.36 -8.26 -12.12
N THR A 373 4.02 -8.24 -11.92
CA THR A 373 3.30 -6.99 -11.77
C THR A 373 3.70 -6.26 -10.50
N LEU A 374 3.78 -6.98 -9.38
CA LEU A 374 4.26 -6.38 -8.14
C LEU A 374 5.70 -5.87 -8.28
N ARG A 375 6.51 -6.50 -9.14
CA ARG A 375 7.86 -5.94 -9.32
C ARG A 375 7.78 -4.57 -9.99
N MET A 376 7.05 -4.49 -11.10
CA MET A 376 6.98 -3.26 -11.89
C MET A 376 6.08 -2.22 -11.24
N HIS A 377 5.13 -2.65 -10.41
CA HIS A 377 4.18 -1.74 -9.74
C HIS A 377 4.06 -2.12 -8.26
N HIS A 378 5.12 -1.89 -7.53
CA HIS A 378 5.07 -2.01 -6.08
C HIS A 378 4.07 -0.96 -5.57
N PRO A 379 2.99 -1.38 -4.90
CA PRO A 379 1.92 -0.41 -4.54
C PRO A 379 2.40 0.71 -3.62
N LEU A 380 3.50 0.53 -2.93
CA LEU A 380 3.96 1.51 -1.96
C LEU A 380 5.36 1.94 -2.38
N HIS A 381 5.49 3.15 -2.90
CA HIS A 381 6.78 3.58 -3.40
C HIS A 381 7.74 4.03 -2.30
N SER A 382 7.23 4.28 -1.10
CA SER A 382 8.06 4.83 -0.04
C SER A 382 7.54 4.34 1.30
N LEU A 383 8.43 3.83 2.12
CA LEU A 383 8.08 3.45 3.47
C LEU A 383 8.94 4.27 4.42
N PHE A 384 8.33 4.73 5.51
CA PHE A 384 8.99 5.61 6.46
C PHE A 384 9.08 4.98 7.84
N ARG A 385 10.15 5.35 8.53
CA ARG A 385 10.26 5.25 9.98
C ARG A 385 10.73 6.60 10.50
N LYS A 386 10.30 6.97 11.69
CA LYS A 386 10.87 8.14 12.34
C LYS A 386 12.04 7.67 13.20
N VAL A 387 13.16 8.37 13.10
CA VAL A 387 14.36 7.96 13.84
C VAL A 387 14.24 8.45 15.28
N MET A 388 14.34 7.51 16.22
CA MET A 388 14.18 7.80 17.65
C MET A 388 15.51 8.15 18.32
N LYS A 389 16.56 7.38 18.04
CA LYS A 389 17.89 7.61 18.58
C LYS A 389 18.88 7.80 17.44
N ASP A 390 19.96 8.52 17.71
CA ASP A 390 20.98 8.72 16.68
C ASP A 390 21.44 7.38 16.11
N MET A 391 21.48 7.29 14.79
CA MET A 391 21.84 6.08 14.06
C MET A 391 23.10 6.31 13.27
N HIS A 392 24.10 5.46 13.48
CA HIS A 392 25.31 5.46 12.67
C HIS A 392 25.06 4.59 11.44
N VAL A 393 25.27 5.15 10.25
CA VAL A 393 25.18 4.42 9.00
C VAL A 393 26.46 3.62 8.85
N PRO A 394 26.39 2.28 8.87
CA PRO A 394 27.62 1.48 8.82
C PRO A 394 28.50 1.84 7.63
N ASN A 395 29.82 1.71 7.83
CA ASN A 395 30.84 1.91 6.81
C ASN A 395 30.80 3.30 6.20
N THR A 396 30.34 4.28 6.98
CA THR A 396 30.42 5.68 6.64
C THR A 396 30.72 6.44 7.92
N SER A 397 30.92 7.75 7.78
CA SER A 397 30.92 8.66 8.90
C SER A 397 29.56 9.32 9.11
N TYR A 398 28.52 8.80 8.47
CA TYR A 398 27.18 9.38 8.56
C TYR A 398 26.51 9.03 9.88
N VAL A 399 25.88 10.02 10.49
CA VAL A 399 24.97 9.80 11.61
C VAL A 399 23.63 10.41 11.24
N ILE A 400 22.55 9.66 11.44
CA ILE A 400 21.20 10.15 11.21
C ILE A 400 20.62 10.56 12.55
N PRO A 401 20.53 11.86 12.84
CA PRO A 401 20.11 12.28 14.18
C PRO A 401 18.65 11.97 14.45
N ALA A 402 18.34 11.86 15.74
CA ALA A 402 16.96 11.72 16.17
C ALA A 402 16.13 12.86 15.63
N GLY A 403 14.88 12.58 15.30
CA GLY A 403 14.01 13.54 14.67
C GLY A 403 14.02 13.50 13.16
N TYR A 404 15.00 12.83 12.55
CA TYR A 404 14.96 12.55 11.13
C TYR A 404 13.98 11.41 10.85
N HIS A 405 13.62 11.28 9.59
CA HIS A 405 12.94 10.10 9.10
C HIS A 405 13.84 9.35 8.13
N VAL A 406 13.76 8.02 8.18
CA VAL A 406 14.41 7.19 7.17
C VAL A 406 13.36 6.68 6.18
N LEU A 407 13.71 6.70 4.91
CA LEU A 407 12.81 6.32 3.83
C LEU A 407 13.49 5.20 3.04
N VAL A 408 12.80 4.08 2.91
CA VAL A 408 13.29 2.94 2.12
C VAL A 408 12.30 2.73 0.99
N SER A 409 12.82 2.33 -0.18
CA SER A 409 12.02 2.27 -1.40
C SER A 409 12.42 1.04 -2.19
N PRO A 410 11.97 -0.14 -1.77
CA PRO A 410 12.23 -1.33 -2.59
C PRO A 410 11.64 -1.22 -3.98
N GLY A 411 10.54 -0.47 -4.13
CA GLY A 411 9.94 -0.31 -5.45
C GLY A 411 10.89 0.34 -6.44
N TYR A 412 11.71 1.28 -5.97
CA TYR A 412 12.80 1.79 -6.79
C TYR A 412 13.73 0.67 -7.24
N THR A 413 14.17 -0.18 -6.31
CA THR A 413 15.15 -1.20 -6.71
C THR A 413 14.55 -2.19 -7.69
N HIS A 414 13.22 -2.42 -7.61
CA HIS A 414 12.55 -3.33 -8.52
C HIS A 414 12.73 -2.92 -9.97
N LEU A 415 12.94 -1.62 -10.21
CA LEU A 415 12.99 -1.07 -11.55
C LEU A 415 14.41 -0.66 -11.97
N ARG A 416 15.42 -1.16 -11.27
CA ARG A 416 16.83 -0.92 -11.64
C ARG A 416 17.36 -2.09 -12.46
N ASP A 417 17.93 -1.77 -13.63
CA ASP A 417 18.47 -2.79 -14.55
C ASP A 417 19.53 -3.66 -13.89
N GLU A 418 20.33 -3.08 -12.99
CA GLU A 418 21.43 -3.83 -12.40
C GLU A 418 20.92 -4.96 -11.50
N TYR A 419 19.66 -4.91 -11.06
CA TYR A 419 19.07 -6.02 -10.32
C TYR A 419 18.00 -6.77 -11.08
N PHE A 420 17.38 -6.16 -12.09
CA PHE A 420 16.42 -6.89 -12.91
C PHE A 420 16.70 -6.52 -14.35
N PRO A 421 17.31 -7.42 -15.12
CA PRO A 421 17.66 -7.09 -16.50
C PRO A 421 16.43 -6.61 -17.25
N ASN A 422 16.60 -5.54 -18.01
CA ASN A 422 15.50 -4.98 -18.79
C ASN A 422 14.33 -4.66 -17.85
N ALA A 423 14.67 -3.95 -16.77
CA ALA A 423 13.73 -3.75 -15.66
C ALA A 423 12.42 -3.16 -16.12
N HIS A 424 12.43 -2.37 -17.19
CA HIS A 424 11.21 -1.71 -17.62
C HIS A 424 10.40 -2.51 -18.61
N GLN A 425 10.79 -3.75 -18.90
CA GLN A 425 9.95 -4.65 -19.69
C GLN A 425 9.19 -5.60 -18.77
N PHE A 426 7.90 -5.81 -19.07
CA PHE A 426 7.05 -6.77 -18.39
C PHE A 426 7.33 -8.17 -18.93
N ASN A 427 7.95 -9.02 -18.12
CA ASN A 427 8.43 -10.33 -18.58
C ASN A 427 8.16 -11.33 -17.45
N ILE A 428 7.05 -12.05 -17.55
CA ILE A 428 6.73 -13.03 -16.51
C ILE A 428 7.73 -14.16 -16.50
N HIS A 429 8.46 -14.36 -17.61
CA HIS A 429 9.39 -15.47 -17.69
C HIS A 429 10.70 -15.18 -16.98
N ARG A 430 10.92 -13.94 -16.54
CA ARG A 430 12.06 -13.70 -15.65
C ARG A 430 11.91 -14.45 -14.34
N TRP A 431 10.75 -15.04 -14.09
CA TRP A 431 10.49 -15.78 -12.86
C TRP A 431 10.33 -17.28 -13.09
N ASN A 432 10.69 -17.79 -14.27
CA ASN A 432 10.63 -19.24 -14.50
C ASN A 432 11.35 -20.00 -13.39
N ASN A 433 10.64 -20.98 -12.80
CA ASN A 433 11.15 -21.80 -11.68
C ASN A 433 11.45 -20.95 -10.47
N ASP A 434 10.53 -20.04 -10.17
CA ASP A 434 10.65 -19.08 -9.07
C ASP A 434 9.33 -18.33 -9.00
N SER A 435 8.24 -19.08 -8.92
CA SER A 435 6.88 -18.56 -9.00
C SER A 435 6.23 -18.41 -7.65
N ALA A 436 7.01 -18.46 -6.57
CA ALA A 436 6.45 -18.27 -5.23
C ALA A 436 6.38 -16.78 -4.92
N SER A 437 5.36 -16.41 -4.13
CA SER A 437 5.14 -15.00 -3.81
C SER A 437 6.41 -14.35 -3.25
N SER A 438 7.20 -15.12 -2.52
CA SER A 438 8.41 -14.64 -1.86
C SER A 438 9.09 -15.87 -1.28
N TYR A 439 10.32 -15.68 -0.81
CA TYR A 439 11.20 -16.81 -0.55
C TYR A 439 12.22 -16.33 0.47
N SER A 440 12.14 -16.88 1.69
CA SER A 440 13.16 -16.60 2.71
C SER A 440 14.45 -17.33 2.35
N VAL A 441 15.43 -16.58 1.84
CA VAL A 441 16.66 -17.17 1.31
C VAL A 441 17.60 -17.55 2.44
N GLY A 442 17.05 -18.01 3.57
CA GLY A 442 17.90 -18.60 4.60
C GLY A 442 17.37 -18.58 6.02
N GLU A 443 18.11 -17.90 6.89
CA GLU A 443 17.79 -17.92 8.31
C GLU A 443 16.54 -17.10 8.60
N GLU A 444 15.72 -17.59 9.52
CA GLU A 444 14.47 -16.94 9.85
C GLU A 444 14.50 -16.40 11.28
N VAL A 445 13.44 -15.67 11.63
CA VAL A 445 13.32 -15.00 12.92
C VAL A 445 11.84 -14.68 13.09
N ASP A 446 11.41 -14.52 14.34
CA ASP A 446 10.01 -14.31 14.66
C ASP A 446 9.89 -13.08 15.55
N TYR A 447 9.16 -12.06 15.08
CA TYR A 447 8.96 -10.85 15.86
C TYR A 447 7.67 -10.90 16.67
N GLY A 448 6.88 -11.96 16.52
CA GLY A 448 5.62 -12.06 17.24
C GLY A 448 4.49 -12.58 16.39
N PHE A 449 4.66 -12.57 15.06
CA PHE A 449 3.59 -12.96 14.15
C PHE A 449 4.03 -14.05 13.19
N GLY A 450 5.02 -14.84 13.55
CA GLY A 450 5.45 -15.97 12.74
C GLY A 450 6.88 -15.83 12.27
N ALA A 451 7.37 -16.92 11.68
CA ALA A 451 8.77 -16.97 11.27
C ALA A 451 8.93 -16.37 9.87
N ILE A 452 9.69 -15.28 9.78
CA ILE A 452 9.92 -14.58 8.53
C ILE A 452 11.42 -14.46 8.30
N SER A 453 11.76 -14.01 7.10
CA SER A 453 13.17 -13.92 6.71
C SER A 453 13.94 -12.99 7.63
N LYS A 454 15.13 -13.43 8.06
CA LYS A 454 15.97 -12.55 8.86
C LYS A 454 16.70 -11.53 8.00
N GLY A 455 17.30 -11.97 6.90
CA GLY A 455 17.87 -11.02 5.97
C GLY A 455 16.77 -10.34 5.18
N VAL A 456 16.91 -9.04 4.98
CA VAL A 456 15.99 -8.33 4.10
C VAL A 456 16.81 -7.67 3.00
N SER A 457 17.81 -8.39 2.47
CA SER A 457 18.68 -7.84 1.45
C SER A 457 18.19 -8.12 0.04
N SER A 458 17.14 -8.92 -0.10
CA SER A 458 16.60 -9.24 -1.40
C SER A 458 16.32 -7.95 -2.17
N PRO A 459 16.70 -7.86 -3.46
CA PRO A 459 16.34 -6.67 -4.23
C PRO A 459 14.86 -6.64 -4.60
N TYR A 460 14.16 -7.78 -4.57
CA TYR A 460 12.70 -7.87 -4.68
C TYR A 460 12.09 -7.96 -3.27
N LEU A 461 11.44 -6.88 -2.82
CA LEU A 461 10.77 -6.83 -1.51
C LEU A 461 9.38 -6.21 -1.63
N PRO A 462 8.47 -6.85 -2.37
CA PRO A 462 7.10 -6.28 -2.48
C PRO A 462 6.36 -6.18 -1.14
N PHE A 463 6.63 -7.09 -0.22
CA PHE A 463 5.89 -7.17 1.04
C PHE A 463 6.72 -6.68 2.22
N GLY A 464 7.73 -5.83 1.96
CA GLY A 464 8.75 -5.34 2.87
C GLY A 464 9.48 -6.46 3.57
N GLY A 465 9.75 -6.23 4.86
CA GLY A 465 10.49 -7.19 5.65
C GLY A 465 10.71 -6.66 7.05
N GLY A 466 11.30 -7.50 7.89
CA GLY A 466 11.44 -7.09 9.30
C GLY A 466 10.10 -7.13 10.03
N ARG A 467 10.06 -6.45 11.19
CA ARG A 467 8.88 -6.51 12.05
C ARG A 467 7.63 -5.96 11.37
N HIS A 468 7.79 -4.98 10.47
CA HIS A 468 6.66 -4.34 9.83
C HIS A 468 6.26 -5.02 8.52
N ARG A 469 6.78 -6.22 8.28
CA ARG A 469 6.50 -6.95 7.06
C ARG A 469 5.01 -7.31 6.93
N CYS A 470 4.53 -7.26 5.68
CA CYS A 470 3.17 -7.62 5.33
C CYS A 470 2.83 -9.01 5.81
N ILE A 471 1.58 -9.19 6.20
CA ILE A 471 1.06 -10.51 6.46
C ILE A 471 -0.09 -10.84 5.52
N GLY A 472 -0.23 -10.08 4.44
CA GLY A 472 -1.32 -10.31 3.52
C GLY A 472 -0.96 -11.04 2.25
N GLU A 473 0.29 -11.48 2.11
CA GLU A 473 0.76 -11.86 0.79
C GLU A 473 0.06 -13.12 0.28
N HIS A 474 -0.20 -14.06 1.19
CA HIS A 474 -0.84 -15.29 0.72
C HIS A 474 -2.30 -15.04 0.40
N PHE A 475 -2.97 -14.22 1.20
CA PHE A 475 -4.36 -13.86 0.88
C PHE A 475 -4.44 -13.14 -0.48
N ALA A 476 -3.51 -12.20 -0.72
CA ALA A 476 -3.60 -11.40 -1.95
C ALA A 476 -3.34 -12.25 -3.19
N TYR A 477 -2.36 -13.14 -3.14
CA TYR A 477 -2.17 -14.08 -4.24
C TYR A 477 -3.41 -14.94 -4.46
N CYS A 478 -4.00 -15.44 -3.38
CA CYS A 478 -5.20 -16.26 -3.49
C CYS A 478 -6.30 -15.49 -4.19
N GLN A 479 -6.57 -14.26 -3.72
CA GLN A 479 -7.59 -13.40 -4.32
C GLN A 479 -7.27 -13.08 -5.78
N LEU A 480 -6.07 -12.54 -6.04
CA LEU A 480 -5.71 -12.23 -7.43
C LEU A 480 -5.67 -13.50 -8.26
N GLY A 481 -5.20 -14.60 -7.66
CA GLY A 481 -5.11 -15.83 -8.44
C GLY A 481 -6.48 -16.24 -8.97
N VAL A 482 -7.48 -16.24 -8.08
CA VAL A 482 -8.84 -16.61 -8.49
C VAL A 482 -9.39 -15.59 -9.49
N LEU A 483 -9.22 -14.30 -9.18
CA LEU A 483 -9.70 -13.27 -10.10
C LEU A 483 -9.16 -13.50 -11.51
N MET A 484 -7.82 -13.50 -11.63
CA MET A 484 -7.20 -13.61 -12.94
C MET A 484 -7.46 -14.95 -13.60
N SER A 485 -7.58 -16.01 -12.82
CA SER A 485 -7.91 -17.29 -13.42
C SER A 485 -9.29 -17.26 -14.09
N ILE A 486 -10.24 -16.47 -13.54
CA ILE A 486 -11.57 -16.36 -14.16
C ILE A 486 -11.58 -15.36 -15.31
N PHE A 487 -10.91 -14.20 -15.14
CA PHE A 487 -10.76 -13.28 -16.26
C PHE A 487 -10.23 -13.98 -17.50
N ILE A 488 -9.10 -14.68 -17.35
CA ILE A 488 -8.42 -15.35 -18.47
C ILE A 488 -9.37 -16.34 -19.15
N ARG A 489 -9.98 -17.22 -18.37
CA ARG A 489 -10.84 -18.27 -18.92
C ARG A 489 -12.09 -17.72 -19.59
N THR A 490 -12.60 -16.56 -19.15
CA THR A 490 -13.84 -16.01 -19.66
C THR A 490 -13.66 -15.03 -20.81
N LEU A 491 -12.58 -14.24 -20.82
CA LEU A 491 -12.52 -13.04 -21.65
C LEU A 491 -11.15 -12.89 -22.28
N LYS A 492 -11.13 -12.29 -23.46
CA LYS A 492 -9.97 -11.63 -24.04
C LYS A 492 -10.21 -10.15 -23.91
N TRP A 493 -9.13 -9.38 -23.89
CA TRP A 493 -9.28 -7.94 -23.75
C TRP A 493 -8.07 -7.27 -24.36
N HIS A 494 -8.26 -6.01 -24.73
CA HIS A 494 -7.22 -5.27 -25.44
C HIS A 494 -7.52 -3.80 -25.22
N TYR A 495 -6.63 -2.94 -25.69
CA TYR A 495 -6.74 -1.50 -25.53
C TYR A 495 -7.63 -0.87 -26.60
N PRO A 496 -8.31 0.23 -26.29
CA PRO A 496 -8.88 1.06 -27.35
C PRO A 496 -7.75 1.53 -28.26
N GLU A 497 -8.12 1.93 -29.47
CA GLU A 497 -7.13 2.25 -30.48
C GLU A 497 -6.17 3.33 -29.97
N GLY A 498 -4.87 3.09 -30.14
CA GLY A 498 -3.85 4.04 -29.75
C GLY A 498 -3.65 4.27 -28.27
N LYS A 499 -4.11 3.35 -27.42
CA LYS A 499 -3.96 3.45 -25.97
C LYS A 499 -2.95 2.43 -25.47
N THR A 500 -2.41 2.69 -24.28
CA THR A 500 -1.38 1.82 -23.72
C THR A 500 -1.36 1.98 -22.20
N VAL A 501 -0.50 1.22 -21.54
CA VAL A 501 -0.34 1.27 -20.08
C VAL A 501 -0.25 2.71 -19.61
N PRO A 502 -1.05 3.10 -18.63
CA PRO A 502 -0.96 4.46 -18.10
C PRO A 502 0.19 4.59 -17.10
N PRO A 503 0.59 5.83 -16.81
CA PRO A 503 1.58 6.07 -15.75
C PRO A 503 0.96 5.93 -14.38
N PRO A 504 1.76 5.61 -13.36
CA PRO A 504 1.21 5.50 -12.00
C PRO A 504 0.84 6.86 -11.44
N ASP A 505 -0.02 6.82 -10.42
CA ASP A 505 -0.35 7.99 -9.60
C ASP A 505 0.43 7.90 -8.30
N PHE A 506 1.45 8.73 -8.16
CA PHE A 506 2.30 8.66 -6.98
C PHE A 506 1.83 9.56 -5.84
N THR A 507 0.89 10.46 -6.10
CA THR A 507 0.31 11.31 -5.06
C THR A 507 -0.83 10.61 -4.32
N SER A 508 -1.07 9.33 -4.60
CA SER A 508 -2.21 8.63 -4.02
C SER A 508 -1.73 7.69 -2.90
N MET A 509 -2.67 6.93 -2.32
CA MET A 509 -2.31 6.04 -1.22
C MET A 509 -1.49 4.84 -1.70
N VAL A 510 -1.82 4.28 -2.87
CA VAL A 510 -0.99 3.29 -3.54
C VAL A 510 -0.69 3.80 -4.95
N THR A 511 0.26 3.17 -5.61
CA THR A 511 0.71 3.62 -6.93
C THR A 511 -0.20 3.05 -8.02
N LEU A 512 -1.50 3.38 -7.88
CA LEU A 512 -2.50 2.90 -8.82
C LEU A 512 -2.40 3.66 -10.15
N PRO A 513 -2.96 3.09 -11.22
CA PRO A 513 -2.82 3.74 -12.53
C PRO A 513 -3.62 5.01 -12.65
N THR A 514 -3.07 5.96 -13.40
CA THR A 514 -3.76 7.22 -13.72
C THR A 514 -4.99 6.92 -14.55
N GLY A 515 -6.14 7.37 -14.06
CA GLY A 515 -7.40 7.12 -14.72
C GLY A 515 -7.78 8.21 -15.70
N PRO A 516 -8.77 7.93 -16.57
CA PRO A 516 -9.35 6.60 -16.70
C PRO A 516 -8.57 5.66 -17.62
N ALA A 517 -8.44 4.41 -17.22
CA ALA A 517 -7.65 3.40 -17.94
C ALA A 517 -8.64 2.34 -18.45
N LYS A 518 -9.04 2.47 -19.72
CA LYS A 518 -10.07 1.64 -20.30
C LYS A 518 -9.46 0.47 -21.07
N ILE A 519 -10.11 -0.69 -20.96
CA ILE A 519 -9.85 -1.86 -21.79
C ILE A 519 -11.18 -2.31 -22.38
N ILE A 520 -11.10 -2.90 -23.56
CA ILE A 520 -12.22 -3.48 -24.28
C ILE A 520 -12.17 -4.98 -24.03
N TRP A 521 -13.27 -5.56 -23.57
CA TRP A 521 -13.35 -7.00 -23.35
C TRP A 521 -14.27 -7.64 -24.38
N GLU A 522 -13.99 -8.91 -24.67
CA GLU A 522 -14.87 -9.76 -25.47
C GLU A 522 -14.91 -11.15 -24.84
N LYS A 523 -16.09 -11.76 -24.85
CA LYS A 523 -16.25 -13.10 -24.30
C LYS A 523 -15.55 -14.15 -25.16
N ARG A 524 -14.85 -15.09 -24.54
CA ARG A 524 -14.30 -16.17 -25.35
C ARG A 524 -15.40 -17.07 -25.90
N ASN A 525 -16.48 -17.23 -25.14
CA ASN A 525 -17.60 -18.10 -25.49
C ASN A 525 -18.83 -17.20 -25.42
N PRO A 526 -19.17 -16.51 -26.52
CA PRO A 526 -20.28 -15.56 -26.51
C PRO A 526 -21.60 -16.15 -26.02
N GLU A 527 -21.78 -17.45 -26.17
CA GLU A 527 -23.02 -18.11 -25.82
C GLU A 527 -22.98 -18.77 -24.44
N GLN A 528 -21.85 -18.71 -23.76
CA GLN A 528 -21.81 -19.14 -22.37
C GLN A 528 -22.63 -18.18 -21.50
N LYS A 529 -23.53 -18.74 -20.68
CA LYS A 529 -24.32 -17.99 -19.72
C LYS A 529 -23.87 -18.33 -18.31
N ILE A 530 -24.04 -17.36 -17.40
CA ILE A 530 -23.72 -17.58 -15.98
C ILE A 530 -25.02 -17.83 -15.24
N GLY A 531 -25.11 -18.98 -14.58
CA GLY A 531 -26.32 -19.39 -13.89
C GLY A 531 -26.53 -18.60 -12.60
N GLY A 532 -27.61 -18.94 -11.90
CA GLY A 532 -28.01 -18.23 -10.71
C GLY A 532 -29.06 -17.16 -10.99
N ARG A 533 -29.65 -16.65 -9.91
CA ARG A 533 -30.75 -15.71 -10.02
C ARG A 533 -30.26 -14.27 -9.92
N HIS A 534 -30.95 -13.36 -10.61
CA HIS A 534 -30.72 -11.92 -10.41
C HIS A 534 -31.96 -11.09 -10.75
CHA HEM B . 2.61 -4.33 5.66
CHB HEM B . 2.68 -4.59 0.80
CHC HEM B . -1.83 -6.51 0.77
CHD HEM B . -1.81 -6.38 5.61
C1A HEM B . 3.01 -4.20 4.35
C2A HEM B . 4.25 -3.61 3.91
C3A HEM B . 4.29 -3.66 2.57
C4A HEM B . 3.06 -4.31 2.11
CMA HEM B . 5.43 -3.12 1.68
CAA HEM B . 5.29 -3.01 4.87
CBA HEM B . 4.91 -1.58 5.24
CGA HEM B . 6.05 -0.91 5.98
O1A HEM B . 5.82 0.27 6.39
O2A HEM B . 7.17 -1.51 6.12
C1B HEM B . 1.51 -5.21 0.37
C2B HEM B . 1.22 -5.69 -0.98
C3B HEM B . -0.02 -6.23 -1.01
C4B HEM B . -0.56 -6.11 0.34
CMB HEM B . 2.26 -5.56 -2.10
CAB HEM B . -0.89 -6.89 -2.11
CBB HEM B . -0.55 -7.05 -3.41
C1C HEM B . -2.19 -6.74 2.07
C2C HEM B . -3.29 -7.56 2.52
C3C HEM B . -3.28 -7.54 3.88
C4C HEM B . -2.18 -6.68 4.30
CMC HEM B . -4.22 -8.31 1.52
CAC HEM B . -4.21 -8.24 4.90
CBC HEM B . -5.25 -8.99 4.51
C1D HEM B . -0.62 -5.84 6.06
C2D HEM B . -0.23 -5.67 7.46
C3D HEM B . 1.00 -5.10 7.48
C4D HEM B . 1.43 -4.89 6.10
CMD HEM B . -1.07 -6.09 8.69
CAD HEM B . 1.81 -4.76 8.74
CBD HEM B . 2.31 -3.33 8.77
CGD HEM B . 3.14 -3.12 10.02
O1D HEM B . 3.50 -4.11 10.70
O2D HEM B . 3.46 -1.94 10.33
NA HEM B . 2.30 -4.61 3.23
NB HEM B . 0.39 -5.48 1.12
NC HEM B . -1.53 -6.21 3.17
ND HEM B . 0.42 -5.35 5.29
FE HEM B . 0.43 -5.49 3.23
C10 81H C . 1.49 6.27 1.11
C11 81H C . 2.27 5.68 2.11
C12 81H C . 1.73 4.57 2.93
C13 81H C . 0.55 3.93 2.60
C15 81H C . 2.34 4.18 4.11
C16 81H C . 1.76 3.21 4.92
C17 81H C . 0.57 2.65 4.50
C18 81H C . -0.24 1.69 5.37
C2 81H C . 3.66 9.93 -0.15
C21 81H C . -0.21 0.18 5.03
C22 81H C . -0.75 -0.03 3.60
C27 81H C . 0.12 -2.37 3.31
C29 81H C . -1.06 -0.58 6.06
C30 81H C . -2.44 -0.67 5.98
C32 81H C . -3.22 -1.41 6.83
C33 81H C . -2.56 -2.07 7.84
C35 81H C . -1.21 -2.00 8.02
C36 81H C . -0.45 -1.26 7.11
C6 81H C . 3.30 7.71 0.51
C7 81H C . 4.08 7.16 1.51
C8 81H C . 3.55 6.14 2.29
C9 81H C . 2.00 7.28 0.32
F1 81H C . 4.07 10.24 1.06
F19 81H C . -1.54 2.04 5.29
F20 81H C . 0.14 1.83 6.65
F3 81H C . 4.36 10.69 -0.99
F31 81H C . -3.09 0.07 5.06
F34 81H C . -3.31 -2.81 8.71
F4 81H C . 2.38 10.25 -0.26
N14 81H C . -0.03 2.98 3.35
N23 81H C . -0.81 -1.42 3.23
N24 81H C . -1.96 -2.02 2.92
N25 81H C . -1.73 -3.28 2.86
N26 81H C . -0.41 -3.52 3.10
O28 81H C . 1.17 -0.21 5.06
O5 81H C . 3.86 8.64 -0.40
#